data_3L6I
#
_entry.id   3L6I
#
_cell.length_a   109.050
_cell.length_b   174.550
_cell.length_c   43.800
_cell.angle_alpha   90.00
_cell.angle_beta   90.00
_cell.angle_gamma   90.00
#
_symmetry.space_group_name_H-M   'C 2 2 2'
#
loop_
_entity.id
_entity.type
_entity.pdbx_description
1 polymer 'Uncharacterized lipoprotein yceB'
2 non-polymer 'SODIUM ION'
3 water water
#
_entity_poly.entity_id   1
_entity_poly.type   'polypeptide(L)'
_entity_poly.pdbx_seq_one_letter_code
;HHHSH(MSE)NQLTQYTITEQEINQSLAKHNNFSKDIGLPGVADAHIVLTNLTSQIGREEPNKVTLTGDANLD(MSE)NS
LFGSQKAT(MSE)KLKLKALPVFDKEKGAIFLKE(MSE)EVVDATVQPEK(MSE)QTV(MSE)QTLLPYLNQALRNYFNQ
QPAYVLREDGSQGEA(MSE)AKKLAKGIEVKPGEIVIPFTDLEHHHHHH
;
_entity_poly.pdbx_strand_id   A,B
#
# COMPACT_ATOMS: atom_id res chain seq x y z
N HIS A 2 1.09 6.06 -3.24
CA HIS A 2 2.53 5.85 -3.20
C HIS A 2 2.94 5.29 -1.84
N HIS A 3 3.77 4.25 -1.87
CA HIS A 3 4.14 3.50 -0.68
C HIS A 3 4.91 4.31 0.37
N SER A 4 5.34 5.51 -0.01
CA SER A 4 6.06 6.36 0.94
C SER A 4 5.14 6.97 2.00
N HIS A 5 3.81 6.88 1.80
CA HIS A 5 2.85 7.41 2.77
C HIS A 5 2.09 6.33 3.54
N ASN A 7 -0.77 4.61 5.15
CA ASN A 7 -2.19 4.68 4.93
C ASN A 7 -2.88 5.39 6.09
N GLN A 8 -2.59 4.89 7.30
CA GLN A 8 -3.18 5.43 8.53
C GLN A 8 -2.06 5.94 9.42
N LEU A 9 -2.28 7.06 10.11
CA LEU A 9 -1.23 7.65 10.90
C LEU A 9 -1.37 7.38 12.40
N THR A 10 -2.54 6.94 12.84
CA THR A 10 -2.83 6.89 14.28
C THR A 10 -3.10 5.49 14.78
N GLN A 11 -3.18 4.55 13.86
CA GLN A 11 -3.46 3.16 14.20
C GLN A 11 -3.05 2.28 13.05
N TYR A 12 -3.10 0.98 13.27
CA TYR A 12 -2.84 0.02 12.21
C TYR A 12 -3.92 -1.04 12.22
N THR A 13 -4.40 -1.41 11.04
CA THR A 13 -5.56 -2.32 10.95
C THR A 13 -5.23 -3.66 10.33
N ILE A 14 -5.69 -4.73 10.98
CA ILE A 14 -5.52 -6.08 10.49
C ILE A 14 -6.88 -6.71 10.21
N THR A 15 -7.13 -7.00 8.94
CA THR A 15 -8.42 -7.51 8.48
C THR A 15 -8.59 -9.01 8.73
N GLU A 16 -9.84 -9.48 8.65
CA GLU A 16 -10.13 -10.92 8.69
C GLU A 16 -9.27 -11.63 7.65
N GLN A 17 -9.14 -11.04 6.46
CA GLN A 17 -8.38 -11.67 5.39
C GLN A 17 -6.88 -11.80 5.73
N GLU A 18 -6.32 -10.78 6.37
CA GLU A 18 -4.93 -10.83 6.84
C GLU A 18 -4.72 -11.93 7.90
N ILE A 19 -5.63 -12.02 8.87
CA ILE A 19 -5.58 -13.07 9.89
C ILE A 19 -5.70 -14.46 9.27
N ASN A 20 -6.57 -14.60 8.29
CA ASN A 20 -6.75 -15.89 7.63
C ASN A 20 -5.48 -16.35 6.92
N GLN A 21 -4.80 -15.41 6.25
CA GLN A 21 -3.62 -15.78 5.47
C GLN A 21 -2.49 -16.14 6.43
N SER A 22 -2.38 -15.38 7.52
CA SER A 22 -1.39 -15.64 8.55
C SER A 22 -1.64 -17.00 9.18
N LEU A 23 -2.87 -17.25 9.63
CA LEU A 23 -3.21 -18.57 10.15
C LEU A 23 -2.85 -19.66 9.14
N ALA A 24 -3.15 -19.43 7.87
CA ALA A 24 -2.79 -20.38 6.84
C ALA A 24 -1.29 -20.70 6.87
N LYS A 25 -0.46 -19.72 7.24
CA LYS A 25 0.97 -19.96 7.38
C LYS A 25 1.31 -20.64 8.72
N HIS A 26 0.85 -20.05 9.82
CA HIS A 26 1.23 -20.49 11.17
C HIS A 26 0.48 -21.69 11.73
N ASN A 27 -0.73 -21.93 11.22
CA ASN A 27 -1.51 -23.07 11.69
C ASN A 27 -0.96 -24.36 11.11
N ASN A 28 -0.24 -25.10 11.94
CA ASN A 28 0.13 -26.46 11.59
C ASN A 28 -0.32 -27.38 12.72
N PHE A 29 -1.59 -27.27 13.11
CA PHE A 29 -2.16 -28.04 14.21
C PHE A 29 -2.33 -29.50 13.82
N SER A 30 -1.52 -30.35 14.45
CA SER A 30 -1.54 -31.78 14.21
C SER A 30 -1.22 -32.39 15.55
N LYS A 31 -2.24 -32.85 16.27
CA LYS A 31 -2.08 -33.24 17.66
C LYS A 31 -2.73 -34.55 17.98
N ASP A 32 -2.34 -35.15 19.10
CA ASP A 32 -3.03 -36.33 19.56
C ASP A 32 -3.99 -35.94 20.68
N ILE A 33 -5.18 -36.51 20.65
CA ILE A 33 -6.17 -36.19 21.66
C ILE A 33 -6.72 -37.48 22.22
N GLY A 34 -6.93 -37.50 23.53
CA GLY A 34 -7.68 -38.60 24.09
C GLY A 34 -6.86 -39.57 24.89
N LEU A 35 -7.31 -40.83 24.89
CA LEU A 35 -6.84 -41.84 25.82
C LEU A 35 -6.23 -43.01 25.05
N PRO A 36 -4.90 -43.10 25.03
CA PRO A 36 -4.26 -44.16 24.25
C PRO A 36 -4.83 -45.53 24.56
N GLY A 37 -5.12 -46.32 23.53
CA GLY A 37 -5.62 -47.67 23.70
C GLY A 37 -7.11 -47.74 23.93
N VAL A 38 -7.75 -46.60 24.18
CA VAL A 38 -9.18 -46.61 24.48
C VAL A 38 -9.92 -45.80 23.42
N ALA A 39 -9.59 -44.52 23.35
CA ALA A 39 -10.13 -43.63 22.30
C ALA A 39 -9.15 -42.49 22.16
N ASP A 40 -8.31 -42.61 21.14
CA ASP A 40 -7.09 -41.84 20.96
C ASP A 40 -7.02 -41.39 19.49
N ALA A 41 -7.24 -40.11 19.23
CA ALA A 41 -7.30 -39.61 17.87
C ALA A 41 -6.15 -38.70 17.52
N HIS A 42 -5.63 -38.87 16.31
CA HIS A 42 -4.72 -37.86 15.79
C HIS A 42 -5.52 -36.93 14.90
N ILE A 43 -5.39 -35.63 15.12
CA ILE A 43 -6.26 -34.70 14.42
C ILE A 43 -5.48 -33.60 13.75
N VAL A 44 -5.76 -33.38 12.48
CA VAL A 44 -5.11 -32.32 11.74
C VAL A 44 -6.16 -31.32 11.35
N LEU A 45 -5.88 -30.05 11.60
CA LEU A 45 -6.83 -28.97 11.37
C LEU A 45 -6.37 -28.17 10.16
N THR A 46 -7.27 -27.93 9.21
CA THR A 46 -6.92 -27.10 8.05
C THR A 46 -7.95 -26.04 7.76
N ASN A 47 -7.60 -25.11 6.88
CA ASN A 47 -8.58 -24.20 6.31
C ASN A 47 -9.27 -23.29 7.33
N LEU A 48 -8.51 -22.77 8.28
CA LEU A 48 -9.07 -21.93 9.32
C LEU A 48 -9.44 -20.56 8.79
N THR A 49 -10.71 -20.22 8.90
CA THR A 49 -11.18 -18.96 8.38
C THR A 49 -11.79 -18.28 9.57
N SER A 50 -11.55 -16.98 9.70
CA SER A 50 -11.94 -16.25 10.89
C SER A 50 -13.10 -15.30 10.62
N GLN A 51 -13.84 -15.00 11.66
CA GLN A 51 -14.84 -13.96 11.65
C GLN A 51 -14.57 -13.11 12.86
N ILE A 52 -14.30 -11.82 12.66
CA ILE A 52 -13.85 -10.99 13.76
C ILE A 52 -14.93 -10.10 14.41
N GLY A 53 -15.16 -10.32 15.70
CA GLY A 53 -15.97 -9.45 16.53
C GLY A 53 -17.39 -9.15 16.09
N ARG A 54 -18.10 -10.20 15.67
CA ARG A 54 -19.47 -10.04 15.18
C ARG A 54 -20.52 -10.57 16.15
N GLU A 55 -20.11 -11.54 16.98
CA GLU A 55 -20.97 -12.03 18.04
C GLU A 55 -20.63 -11.26 19.32
N GLU A 56 -19.94 -11.92 20.25
CA GLU A 56 -19.33 -11.18 21.36
C GLU A 56 -18.37 -10.14 20.77
N PRO A 57 -18.59 -8.86 21.10
CA PRO A 57 -17.85 -7.74 20.51
C PRO A 57 -16.34 -7.93 20.56
N ASN A 58 -15.85 -8.62 21.59
CA ASN A 58 -14.41 -8.76 21.77
C ASN A 58 -13.84 -10.13 21.39
N LYS A 59 -14.65 -10.98 20.78
CA LYS A 59 -14.19 -12.32 20.45
C LYS A 59 -14.14 -12.62 18.95
N VAL A 60 -13.40 -13.67 18.62
CA VAL A 60 -13.23 -14.06 17.23
C VAL A 60 -13.79 -15.47 17.04
N THR A 61 -14.26 -15.74 15.84
CA THR A 61 -14.80 -17.04 15.53
C THR A 61 -14.03 -17.62 14.35
N LEU A 62 -13.93 -18.94 14.29
CA LEU A 62 -13.16 -19.63 13.25
C LEU A 62 -13.95 -20.82 12.75
N THR A 63 -13.89 -21.07 11.46
CA THR A 63 -14.38 -22.33 10.95
C THR A 63 -13.19 -23.08 10.38
N GLY A 64 -13.21 -24.40 10.48
CA GLY A 64 -12.12 -25.19 9.92
C GLY A 64 -12.55 -26.60 9.65
N ASP A 65 -11.70 -27.34 8.95
CA ASP A 65 -11.92 -28.76 8.69
C ASP A 65 -10.88 -29.55 9.45
N ALA A 66 -11.25 -30.74 9.92
CA ALA A 66 -10.28 -31.61 10.54
C ALA A 66 -10.35 -32.99 9.91
N ASN A 67 -9.19 -33.63 9.85
CA ASN A 67 -9.12 -35.03 9.50
C ASN A 67 -8.57 -35.77 10.70
N LEU A 68 -9.22 -36.87 11.05
CA LEU A 68 -8.86 -37.63 12.23
C LEU A 68 -8.59 -39.08 11.89
N ASP A 69 -7.65 -39.67 12.62
CA ASP A 69 -7.51 -41.12 12.67
C ASP A 69 -7.83 -41.47 14.10
N ASN A 71 -8.24 -44.10 17.13
CA ASN A 71 -7.55 -45.35 17.44
C ASN A 71 -7.98 -45.96 18.76
N SER A 72 -7.99 -47.28 18.79
CA SER A 72 -8.31 -48.05 19.98
C SER A 72 -7.44 -49.30 19.94
N LEU A 73 -7.41 -50.08 21.01
CA LEU A 73 -6.54 -51.25 21.04
C LEU A 73 -6.88 -52.24 19.92
N PHE A 74 -8.13 -52.23 19.47
CA PHE A 74 -8.60 -53.18 18.45
C PHE A 74 -8.56 -52.68 17.02
N GLY A 75 -8.20 -51.43 16.80
CA GLY A 75 -8.16 -50.93 15.42
C GLY A 75 -8.29 -49.42 15.37
N SER A 76 -8.58 -48.90 14.18
CA SER A 76 -8.72 -47.48 13.97
C SER A 76 -9.76 -47.21 12.90
N GLN A 77 -10.24 -45.97 12.85
CA GLN A 77 -11.13 -45.58 11.75
C GLN A 77 -10.87 -44.13 11.39
N LYS A 78 -10.87 -43.81 10.11
CA LYS A 78 -10.71 -42.43 9.70
C LYS A 78 -12.00 -41.65 9.91
N ALA A 79 -11.89 -40.37 10.25
CA ALA A 79 -13.06 -39.52 10.41
C ALA A 79 -12.76 -38.14 9.85
N THR A 80 -13.82 -37.42 9.48
CA THR A 80 -13.65 -36.05 9.06
C THR A 80 -14.61 -35.24 9.89
N LYS A 82 -16.25 -31.07 10.57
CA LYS A 82 -16.34 -29.65 10.34
C LYS A 82 -16.46 -29.02 11.73
N LEU A 83 -15.66 -28.00 12.01
CA LEU A 83 -15.63 -27.37 13.33
C LEU A 83 -15.98 -25.89 13.26
N LYS A 84 -16.67 -25.39 14.28
CA LYS A 84 -16.68 -23.95 14.54
C LYS A 84 -16.08 -23.71 15.91
N LEU A 85 -15.21 -22.71 16.00
CA LEU A 85 -14.40 -22.50 17.18
C LEU A 85 -14.58 -21.05 17.58
N LYS A 86 -14.28 -20.73 18.83
CA LYS A 86 -14.29 -19.33 19.24
C LYS A 86 -13.08 -19.11 20.14
N ALA A 87 -12.60 -17.87 20.16
CA ALA A 87 -11.35 -17.57 20.85
C ALA A 87 -11.35 -16.11 21.30
N LEU A 88 -10.38 -15.76 22.13
CA LEU A 88 -10.22 -14.40 22.61
C LEU A 88 -8.89 -13.83 22.12
N PRO A 89 -8.93 -12.85 21.20
CA PRO A 89 -7.67 -12.31 20.70
C PRO A 89 -6.99 -11.53 21.82
N VAL A 90 -5.70 -11.78 22.03
CA VAL A 90 -4.98 -11.01 23.02
C VAL A 90 -3.65 -10.63 22.44
N PHE A 91 -3.28 -9.38 22.68
CA PHE A 91 -2.06 -8.82 22.18
C PHE A 91 -0.95 -8.96 23.21
N ASP A 92 0.17 -9.49 22.76
CA ASP A 92 1.38 -9.57 23.57
C ASP A 92 2.34 -8.50 23.05
N LYS A 93 2.54 -7.45 23.84
CA LYS A 93 3.41 -6.34 23.44
C LYS A 93 4.85 -6.80 23.25
N GLU A 94 5.32 -7.65 24.17
CA GLU A 94 6.67 -8.17 24.15
C GLU A 94 6.98 -8.77 22.79
N LYS A 95 6.14 -9.70 22.37
CA LYS A 95 6.34 -10.43 21.13
C LYS A 95 5.77 -9.66 19.93
N GLY A 96 5.00 -8.60 20.21
CA GLY A 96 4.30 -7.90 19.15
C GLY A 96 3.45 -8.86 18.36
N ALA A 97 2.63 -9.65 19.05
CA ALA A 97 1.89 -10.71 18.38
C ALA A 97 0.47 -10.86 18.91
N ILE A 98 -0.43 -11.27 18.03
CA ILE A 98 -1.81 -11.55 18.43
C ILE A 98 -2.04 -13.05 18.57
N PHE A 99 -2.55 -13.44 19.73
CA PHE A 99 -2.82 -14.84 20.02
C PHE A 99 -4.32 -15.02 20.12
N LEU A 100 -4.82 -16.11 19.54
CA LEU A 100 -6.24 -16.48 19.73
C LEU A 100 -6.36 -17.40 20.92
N LYS A 101 -6.60 -16.81 22.09
CA LYS A 101 -6.50 -17.56 23.32
C LYS A 101 -7.80 -18.21 23.74
N GLU A 102 -7.69 -19.21 24.62
CA GLU A 102 -8.84 -19.90 25.16
C GLU A 102 -9.68 -20.53 24.06
N GLU A 104 -11.93 -22.79 21.91
CA GLU A 104 -12.77 -23.95 22.18
C GLU A 104 -13.74 -24.19 21.03
N VAL A 105 -14.22 -25.42 20.97
CA VAL A 105 -15.13 -25.84 19.93
C VAL A 105 -16.52 -25.32 20.29
N VAL A 106 -17.11 -24.58 19.35
CA VAL A 106 -18.50 -24.10 19.48
C VAL A 106 -19.51 -25.12 18.95
N ASP A 107 -19.29 -25.61 17.74
CA ASP A 107 -20.07 -26.71 17.19
CA ASP A 107 -20.02 -26.78 17.29
C ASP A 107 -19.17 -27.61 16.34
N ALA A 108 -19.55 -28.86 16.21
CA ALA A 108 -18.77 -29.79 15.43
C ALA A 108 -19.73 -30.80 14.81
N THR A 109 -19.48 -31.17 13.56
CA THR A 109 -20.17 -32.29 12.96
C THR A 109 -19.15 -33.31 12.48
N VAL A 110 -19.42 -34.58 12.77
CA VAL A 110 -18.48 -35.64 12.48
C VAL A 110 -19.10 -36.69 11.59
N GLN A 111 -18.33 -37.14 10.60
CA GLN A 111 -18.64 -38.34 9.85
C GLN A 111 -17.44 -39.29 9.95
N PRO A 112 -17.70 -40.61 10.04
CA PRO A 112 -18.99 -41.29 10.06
C PRO A 112 -19.72 -41.28 11.42
N GLU A 113 -20.93 -41.81 11.41
CA GLU A 113 -21.86 -41.75 12.53
C GLU A 113 -21.32 -42.32 13.85
N LYS A 114 -20.79 -43.54 13.80
CA LYS A 114 -20.31 -44.14 15.03
C LYS A 114 -19.19 -43.30 15.64
N GLN A 116 -19.35 -40.20 15.91
CA GLN A 116 -20.02 -39.07 16.54
C GLN A 116 -19.98 -39.14 18.06
N THR A 117 -20.34 -40.27 18.63
CA THR A 117 -20.30 -40.37 20.08
C THR A 117 -18.89 -40.34 20.65
N VAL A 118 -17.93 -40.95 19.96
CA VAL A 118 -16.55 -40.93 20.43
C VAL A 118 -16.06 -39.50 20.51
N GLN A 120 -17.77 -36.74 20.73
CA GLN A 120 -18.44 -36.04 21.81
C GLN A 120 -17.70 -36.28 23.14
N THR A 121 -17.31 -37.52 23.39
CA THR A 121 -16.52 -37.82 24.57
C THR A 121 -15.13 -37.15 24.56
N LEU A 122 -14.54 -37.02 23.38
CA LEU A 122 -13.18 -36.51 23.28
C LEU A 122 -13.14 -34.99 23.21
N LEU A 123 -14.32 -34.37 23.13
CA LEU A 123 -14.38 -32.91 23.02
C LEU A 123 -13.49 -32.14 24.03
N PRO A 124 -13.54 -32.50 25.32
CA PRO A 124 -12.72 -31.73 26.27
C PRO A 124 -11.24 -31.94 26.01
N TYR A 125 -10.85 -33.10 25.49
CA TYR A 125 -9.44 -33.32 25.11
C TYR A 125 -9.03 -32.47 23.91
N LEU A 126 -9.93 -32.36 22.94
CA LEU A 126 -9.70 -31.53 21.76
C LEU A 126 -9.59 -30.06 22.16
N ASN A 127 -10.48 -29.63 23.05
CA ASN A 127 -10.42 -28.28 23.60
C ASN A 127 -9.07 -28.01 24.27
N GLN A 128 -8.62 -28.94 25.09
CA GLN A 128 -7.30 -28.79 25.67
C GLN A 128 -6.19 -28.63 24.61
N ALA A 129 -6.18 -29.49 23.59
CA ALA A 129 -5.10 -29.45 22.60
C ALA A 129 -5.16 -28.13 21.83
N LEU A 130 -6.36 -27.66 21.56
CA LEU A 130 -6.56 -26.42 20.81
C LEU A 130 -6.04 -25.24 21.60
N ARG A 131 -6.43 -25.13 22.86
CA ARG A 131 -6.01 -23.94 23.56
C ARG A 131 -4.51 -23.98 23.89
N ASN A 132 -3.94 -25.17 24.13
CA ASN A 132 -2.48 -25.28 24.33
C ASN A 132 -1.75 -24.87 23.06
N TYR A 133 -2.24 -25.32 21.90
CA TYR A 133 -1.60 -24.96 20.67
C TYR A 133 -1.69 -23.47 20.41
N PHE A 134 -2.91 -22.91 20.40
CA PHE A 134 -3.06 -21.51 20.01
C PHE A 134 -2.75 -20.50 21.10
N ASN A 135 -2.59 -20.96 22.32
CA ASN A 135 -2.07 -20.08 23.36
C ASN A 135 -0.59 -19.79 23.19
N GLN A 136 0.12 -20.67 22.47
CA GLN A 136 1.56 -20.45 22.26
C GLN A 136 1.98 -20.19 20.81
N GLN A 137 1.11 -20.51 19.85
CA GLN A 137 1.41 -20.21 18.45
C GLN A 137 0.61 -18.99 18.03
N PRO A 138 1.27 -17.85 17.82
CA PRO A 138 0.47 -16.66 17.57
C PRO A 138 -0.24 -16.76 16.23
N ALA A 139 -1.38 -16.09 16.13
CA ALA A 139 -2.16 -16.09 14.91
C ALA A 139 -1.63 -15.02 13.96
N TYR A 140 -1.01 -13.99 14.54
CA TYR A 140 -0.47 -12.87 13.76
C TYR A 140 0.69 -12.19 14.49
N VAL A 141 1.79 -12.02 13.76
CA VAL A 141 3.02 -11.43 14.30
C VAL A 141 3.40 -10.20 13.48
N LEU A 142 3.47 -9.05 14.17
CA LEU A 142 3.84 -7.80 13.51
C LEU A 142 5.30 -7.87 13.06
N ARG A 143 5.56 -7.59 11.79
CA ARG A 143 6.93 -7.55 11.28
C ARG A 143 7.46 -6.12 11.20
N GLU A 144 8.79 -5.98 11.19
CA GLU A 144 9.45 -4.68 11.06
C GLU A 144 9.81 -4.37 9.61
N ASP A 145 9.77 -5.39 8.76
CA ASP A 145 10.15 -5.25 7.36
C ASP A 145 8.96 -5.39 6.40
N GLY A 146 7.77 -5.03 6.88
CA GLY A 146 6.59 -4.99 6.04
C GLY A 146 6.23 -3.55 5.80
N SER A 147 4.94 -3.22 5.84
CA SER A 147 4.52 -1.83 5.71
C SER A 147 5.07 -1.03 6.88
N GLN A 148 5.23 0.28 6.67
CA GLN A 148 5.71 1.15 7.74
C GLN A 148 4.67 1.19 8.86
N GLY A 149 3.40 1.11 8.48
CA GLY A 149 2.33 1.09 9.47
C GLY A 149 2.49 -0.07 10.43
N GLU A 150 2.85 -1.22 9.89
CA GLU A 150 2.99 -2.41 10.71
C GLU A 150 4.22 -2.25 11.59
N ALA A 151 5.28 -1.71 11.03
CA ALA A 151 6.47 -1.41 11.80
C ALA A 151 6.10 -0.52 12.99
N ALA A 153 3.09 -0.12 14.44
CA ALA A 153 2.27 -0.84 15.41
C ALA A 153 3.17 -1.61 16.37
N LYS A 154 4.17 -2.30 15.83
CA LYS A 154 5.09 -3.05 16.68
C LYS A 154 5.71 -2.13 17.72
N LYS A 155 6.15 -0.96 17.28
CA LYS A 155 6.82 -0.03 18.18
C LYS A 155 5.89 0.68 19.18
N LEU A 156 4.67 1.01 18.75
CA LEU A 156 3.78 1.84 19.55
C LEU A 156 2.57 1.13 20.16
N ALA A 157 2.29 -0.10 19.71
CA ALA A 157 1.01 -0.74 20.00
C ALA A 157 0.52 -0.55 21.43
N LYS A 158 -0.64 0.09 21.56
CA LYS A 158 -1.30 0.29 22.84
C LYS A 158 -2.45 -0.72 22.98
N GLY A 159 -2.11 -2.00 22.99
CA GLY A 159 -3.12 -3.05 23.00
C GLY A 159 -3.83 -3.14 21.66
N ILE A 160 -4.93 -3.90 21.61
CA ILE A 160 -5.73 -3.99 20.40
C ILE A 160 -7.17 -3.72 20.72
N GLU A 161 -7.95 -3.45 19.69
CA GLU A 161 -9.36 -3.24 19.86
C GLU A 161 -10.04 -4.03 18.76
N VAL A 162 -10.95 -4.90 19.13
CA VAL A 162 -11.67 -5.70 18.15
C VAL A 162 -12.94 -4.95 17.70
N LYS A 163 -13.04 -4.71 16.40
CA LYS A 163 -14.20 -4.06 15.81
C LYS A 163 -14.81 -5.06 14.84
N PRO A 164 -16.06 -4.82 14.44
CA PRO A 164 -16.68 -5.66 13.40
C PRO A 164 -15.77 -5.76 12.19
N GLY A 165 -15.37 -6.96 11.79
CA GLY A 165 -14.58 -7.16 10.59
C GLY A 165 -13.06 -7.03 10.62
N GLU A 166 -12.50 -6.56 11.73
CA GLU A 166 -11.06 -6.27 11.74
C GLU A 166 -10.51 -6.01 13.14
N ILE A 167 -9.20 -6.17 13.29
CA ILE A 167 -8.55 -5.90 14.57
C ILE A 167 -7.72 -4.61 14.46
N VAL A 168 -8.02 -3.65 15.33
CA VAL A 168 -7.31 -2.39 15.29
C VAL A 168 -6.26 -2.31 16.39
N ILE A 169 -5.07 -1.83 16.01
CA ILE A 169 -4.00 -1.62 16.94
C ILE A 169 -3.73 -0.12 17.02
N PRO A 170 -4.15 0.52 18.12
CA PRO A 170 -4.01 1.97 18.26
C PRO A 170 -2.57 2.34 18.55
N PHE A 171 -2.12 3.49 18.05
CA PHE A 171 -0.79 3.97 18.38
C PHE A 171 -0.91 4.85 19.60
N THR A 172 -2.15 5.25 19.88
CA THR A 172 -2.44 6.18 20.95
C THR A 172 -3.36 5.53 21.98
N HIS B 1 12.03 3.27 4.85
CA HIS B 1 12.43 4.11 5.96
C HIS B 1 12.74 5.52 5.49
N HIS B 2 11.96 6.00 4.51
CA HIS B 2 12.26 7.29 3.88
C HIS B 2 11.74 8.49 4.69
N HIS B 3 10.49 8.43 5.13
CA HIS B 3 9.94 9.49 5.97
C HIS B 3 9.41 8.94 7.30
N SER B 4 9.98 9.41 8.39
CA SER B 4 9.61 8.91 9.71
C SER B 4 8.14 9.17 9.99
N HIS B 5 7.61 8.42 10.96
CA HIS B 5 6.23 8.55 11.41
C HIS B 5 6.01 10.02 11.80
N ASN B 7 7.73 12.76 10.94
CA ASN B 7 7.67 13.55 9.73
C ASN B 7 6.24 13.52 9.12
N GLN B 8 5.69 12.33 8.95
CA GLN B 8 4.37 12.21 8.31
C GLN B 8 3.23 12.74 9.16
N LEU B 9 3.45 12.87 10.47
CA LEU B 9 2.43 13.41 11.36
C LEU B 9 2.38 14.93 11.26
N THR B 10 3.39 15.52 10.65
CA THR B 10 3.50 16.98 10.64
C THR B 10 3.58 17.65 9.27
N GLN B 11 3.84 16.87 8.23
CA GLN B 11 3.87 17.42 6.88
C GLN B 11 3.60 16.33 5.87
N TYR B 12 3.22 16.74 4.67
CA TYR B 12 3.00 15.81 3.58
C TYR B 12 4.10 16.05 2.54
N THR B 13 4.85 15.01 2.19
CA THR B 13 6.00 15.18 1.32
C THR B 13 5.74 14.54 -0.04
N ILE B 14 6.00 15.29 -1.12
CA ILE B 14 5.83 14.75 -2.47
C ILE B 14 7.21 14.58 -3.09
N THR B 15 7.56 13.33 -3.43
CA THR B 15 8.90 13.04 -3.93
C THR B 15 8.97 13.07 -5.45
N GLU B 16 10.19 12.95 -5.97
CA GLU B 16 10.36 13.00 -7.41
C GLU B 16 9.52 11.96 -8.15
N GLN B 17 9.50 10.73 -7.62
CA GLN B 17 8.75 9.66 -8.28
C GLN B 17 7.26 9.95 -8.26
N GLU B 18 6.79 10.57 -7.19
CA GLU B 18 5.38 10.93 -7.13
C GLU B 18 5.03 11.99 -8.18
N ILE B 19 5.89 12.99 -8.35
CA ILE B 19 5.65 13.94 -9.43
C ILE B 19 5.63 13.19 -10.77
N ASN B 20 6.64 12.34 -10.95
CA ASN B 20 6.75 11.55 -12.18
C ASN B 20 5.44 10.81 -12.49
N GLN B 21 4.95 10.03 -11.53
CA GLN B 21 3.72 9.25 -11.71
C GLN B 21 2.53 10.12 -12.02
N SER B 22 2.44 11.25 -11.33
CA SER B 22 1.34 12.18 -11.54
C SER B 22 1.38 12.84 -12.91
N LEU B 23 2.56 13.22 -13.37
CA LEU B 23 2.66 13.85 -14.69
C LEU B 23 2.29 12.82 -15.76
N ALA B 24 2.72 11.57 -15.58
CA ALA B 24 2.40 10.52 -16.53
C ALA B 24 0.89 10.37 -16.74
N LYS B 25 0.12 10.66 -15.70
CA LYS B 25 -1.32 10.46 -15.73
C LYS B 25 -2.01 11.35 -16.77
N HIS B 26 -1.39 12.48 -17.10
CA HIS B 26 -2.02 13.47 -17.97
C HIS B 26 -1.93 13.15 -19.47
N ASN B 27 -2.89 13.68 -20.23
CA ASN B 27 -2.80 13.62 -21.67
C ASN B 27 -1.55 14.35 -22.12
N ASN B 28 -0.75 13.69 -22.96
CA ASN B 28 0.52 14.23 -23.36
C ASN B 28 0.43 15.67 -23.87
N PHE B 29 1.42 16.46 -23.50
CA PHE B 29 1.67 17.73 -24.14
C PHE B 29 1.79 17.44 -25.64
N SER B 30 0.89 18.02 -26.43
CA SER B 30 0.87 17.81 -27.88
C SER B 30 0.48 19.12 -28.53
N LYS B 31 1.45 19.79 -29.18
CA LYS B 31 1.24 21.14 -29.66
C LYS B 31 1.98 21.44 -30.95
N ASP B 32 1.47 22.41 -31.70
CA ASP B 32 2.17 22.94 -32.84
C ASP B 32 3.09 24.03 -32.31
N ILE B 33 4.29 24.14 -32.86
CA ILE B 33 5.16 25.23 -32.48
C ILE B 33 5.79 25.84 -33.73
N GLY B 34 6.02 27.15 -33.70
CA GLY B 34 6.74 27.82 -34.77
C GLY B 34 5.89 28.56 -35.78
N LEU B 35 6.44 28.67 -36.98
CA LEU B 35 5.93 29.58 -38.00
C LEU B 35 5.56 28.80 -39.25
N PRO B 36 4.26 28.53 -39.43
CA PRO B 36 3.76 27.79 -40.59
C PRO B 36 4.27 28.42 -41.87
N GLY B 37 4.81 27.61 -42.77
CA GLY B 37 5.32 28.10 -44.04
C GLY B 37 6.76 28.56 -43.97
N VAL B 38 7.37 28.48 -42.79
CA VAL B 38 8.78 28.82 -42.66
C VAL B 38 9.53 27.71 -41.95
N ALA B 39 9.20 27.50 -40.68
CA ALA B 39 9.78 26.45 -39.90
C ALA B 39 8.86 26.18 -38.75
N ASP B 40 8.26 24.99 -38.74
CA ASP B 40 7.36 24.68 -37.66
C ASP B 40 7.37 23.19 -37.41
N ALA B 41 6.73 22.78 -36.33
CA ALA B 41 6.73 21.37 -35.96
C ALA B 41 5.54 21.06 -35.10
N HIS B 42 5.06 19.84 -35.20
CA HIS B 42 4.18 19.34 -34.17
C HIS B 42 5.03 18.52 -33.20
N ILE B 43 4.94 18.83 -31.91
CA ILE B 43 5.74 18.13 -30.92
C ILE B 43 4.90 17.43 -29.86
N VAL B 44 5.28 16.19 -29.57
CA VAL B 44 4.61 15.40 -28.56
C VAL B 44 5.62 15.05 -27.51
N LEU B 45 5.30 15.34 -26.27
CA LEU B 45 6.22 15.17 -25.18
C LEU B 45 5.76 14.02 -24.31
N THR B 46 6.65 13.05 -24.10
CA THR B 46 6.33 11.92 -23.26
C THR B 46 7.49 11.62 -22.32
N ASN B 47 7.22 10.87 -21.27
CA ASN B 47 8.29 10.30 -20.47
C ASN B 47 8.94 11.30 -19.53
N LEU B 48 8.17 12.28 -19.06
CA LEU B 48 8.75 13.31 -18.19
C LEU B 48 9.32 12.74 -16.90
N THR B 49 10.53 13.14 -16.55
CA THR B 49 11.19 12.68 -15.33
C THR B 49 11.69 13.87 -14.52
N SER B 50 11.35 13.93 -13.24
CA SER B 50 11.58 15.16 -12.47
C SER B 50 12.79 15.15 -11.54
N GLN B 51 13.33 16.34 -11.31
CA GLN B 51 14.39 16.53 -10.33
CA GLN B 51 14.41 16.54 -10.37
C GLN B 51 14.06 17.75 -9.50
N ILE B 52 13.83 17.52 -8.21
CA ILE B 52 13.33 18.58 -7.35
C ILE B 52 14.43 19.20 -6.50
N GLY B 53 14.65 20.50 -6.72
CA GLY B 53 15.54 21.26 -5.85
C GLY B 53 16.96 20.73 -5.82
N ARG B 54 17.42 20.14 -6.92
CA ARG B 54 18.74 19.54 -6.96
C ARG B 54 19.81 20.56 -7.31
N GLU B 55 19.44 21.54 -8.13
CA GLU B 55 20.38 22.57 -8.56
C GLU B 55 20.03 23.88 -7.86
N GLU B 56 19.17 24.69 -8.45
CA GLU B 56 18.64 25.82 -7.70
C GLU B 56 17.64 25.26 -6.67
N PRO B 57 17.82 25.65 -5.40
CA PRO B 57 17.05 25.07 -4.28
C PRO B 57 15.54 25.12 -4.47
N ASN B 58 15.05 26.16 -5.13
CA ASN B 58 13.61 26.38 -5.21
C ASN B 58 13.00 25.97 -6.55
N LYS B 59 13.80 25.40 -7.43
CA LYS B 59 13.26 25.02 -8.72
C LYS B 59 13.21 23.52 -8.95
N VAL B 60 12.48 23.13 -9.99
CA VAL B 60 12.34 21.75 -10.39
C VAL B 60 12.80 21.62 -11.84
N THR B 61 13.53 20.57 -12.17
CA THR B 61 13.79 20.33 -13.58
C THR B 61 13.09 19.08 -14.00
N LEU B 62 12.82 18.98 -15.30
CA LEU B 62 12.16 17.84 -15.90
C LEU B 62 13.01 17.40 -17.08
N THR B 63 13.16 16.09 -17.23
CA THR B 63 13.78 15.54 -18.44
C THR B 63 12.71 14.76 -19.20
N GLY B 64 12.72 14.85 -20.52
CA GLY B 64 11.66 14.27 -21.32
C GLY B 64 12.04 13.86 -22.73
N ASP B 65 11.22 13.02 -23.33
CA ASP B 65 11.43 12.60 -24.71
C ASP B 65 10.44 13.37 -25.57
N ALA B 66 10.89 13.80 -26.74
CA ALA B 66 9.99 14.48 -27.65
C ALA B 66 10.01 13.83 -29.01
N ASN B 67 8.84 13.73 -29.62
CA ASN B 67 8.73 13.32 -31.00
C ASN B 67 8.24 14.51 -31.81
N LEU B 68 8.90 14.74 -32.94
CA LEU B 68 8.61 15.92 -33.76
C LEU B 68 8.41 15.54 -35.21
N ASP B 69 7.39 16.14 -35.82
CA ASP B 69 7.26 16.14 -37.26
C ASP B 69 7.62 17.59 -37.63
N ASN B 71 8.75 20.70 -40.21
CA ASN B 71 8.67 21.20 -41.58
C ASN B 71 9.60 22.38 -41.75
N SER B 72 10.42 22.33 -42.81
CA SER B 72 11.30 23.44 -43.19
C SER B 72 11.01 23.78 -44.64
N LEU B 73 11.57 24.88 -45.13
CA LEU B 73 11.22 25.38 -46.47
C LEU B 73 11.06 24.32 -47.57
N PHE B 74 12.08 23.51 -47.78
CA PHE B 74 12.12 22.59 -48.91
C PHE B 74 12.17 21.14 -48.49
N GLY B 75 11.73 20.87 -47.25
CA GLY B 75 11.75 19.51 -46.75
C GLY B 75 11.16 19.34 -45.37
N SER B 76 10.57 18.17 -45.13
CA SER B 76 10.08 17.82 -43.80
C SER B 76 10.90 16.69 -43.24
N GLN B 77 10.89 16.52 -41.92
CA GLN B 77 11.78 15.55 -41.31
C GLN B 77 11.25 15.09 -39.96
N LYS B 78 11.22 13.77 -39.74
CA LYS B 78 10.88 13.24 -38.42
C LYS B 78 12.12 13.28 -37.55
N ALA B 79 11.96 13.74 -36.31
CA ALA B 79 13.10 13.88 -35.43
C ALA B 79 12.71 13.51 -34.01
N THR B 80 13.70 13.18 -33.21
CA THR B 80 13.47 12.99 -31.79
C THR B 80 14.35 13.99 -31.07
N LYS B 82 15.95 14.94 -26.92
CA LYS B 82 16.02 14.79 -25.48
C LYS B 82 16.04 16.20 -24.88
N LEU B 83 15.08 16.49 -24.00
CA LEU B 83 14.91 17.82 -23.41
C LEU B 83 15.22 17.86 -21.92
N LYS B 84 15.68 19.03 -21.48
CA LYS B 84 15.69 19.36 -20.07
C LYS B 84 14.99 20.70 -19.89
N LEU B 85 14.03 20.72 -18.96
CA LEU B 85 13.19 21.87 -18.73
C LEU B 85 13.35 22.30 -17.29
N LYS B 86 13.06 23.57 -17.01
CA LYS B 86 13.15 24.04 -15.64
C LYS B 86 11.95 24.91 -15.34
N ALA B 87 11.47 24.84 -14.09
CA ALA B 87 10.24 25.52 -13.71
C ALA B 87 10.22 25.85 -12.22
N LEU B 88 9.30 26.73 -11.85
CA LEU B 88 9.12 27.15 -10.47
C LEU B 88 7.83 26.55 -9.97
N PRO B 89 7.91 25.61 -9.01
CA PRO B 89 6.67 25.03 -8.48
C PRO B 89 5.97 26.08 -7.64
N VAL B 90 4.67 26.27 -7.84
CA VAL B 90 3.91 27.20 -7.03
C VAL B 90 2.66 26.51 -6.55
N PHE B 91 2.28 26.77 -5.31
CA PHE B 91 1.08 26.17 -4.75
C PHE B 91 -0.12 27.08 -4.99
N ASP B 92 -1.19 26.50 -5.51
CA ASP B 92 -2.46 27.21 -5.63
C ASP B 92 -3.32 26.81 -4.44
N LYS B 93 -3.48 27.74 -3.50
CA LYS B 93 -4.29 27.50 -2.30
C LYS B 93 -5.73 27.11 -2.65
N GLU B 94 -6.33 27.81 -3.59
CA GLU B 94 -7.72 27.53 -3.92
C GLU B 94 -7.89 26.11 -4.44
N LYS B 95 -6.91 25.62 -5.19
CA LYS B 95 -7.08 24.34 -5.86
C LYS B 95 -6.44 23.17 -5.13
N GLY B 96 -5.59 23.45 -4.15
CA GLY B 96 -4.85 22.40 -3.48
C GLY B 96 -4.01 21.66 -4.51
N ALA B 97 -3.35 22.43 -5.37
CA ALA B 97 -2.58 21.88 -6.47
C ALA B 97 -1.26 22.61 -6.58
N ILE B 98 -0.26 21.89 -7.08
CA ILE B 98 1.04 22.47 -7.37
C ILE B 98 1.17 22.60 -8.87
N PHE B 99 1.49 23.81 -9.33
CA PHE B 99 1.77 24.03 -10.74
C PHE B 99 3.26 24.25 -11.00
N LEU B 100 3.72 23.86 -12.17
CA LEU B 100 5.12 24.05 -12.55
C LEU B 100 5.15 25.24 -13.49
N LYS B 101 5.39 26.43 -12.95
CA LYS B 101 5.21 27.70 -13.68
C LYS B 101 6.50 28.18 -14.31
N GLU B 102 6.39 29.01 -15.33
CA GLU B 102 7.57 29.54 -16.01
C GLU B 102 8.42 28.45 -16.64
N GLU B 104 10.57 26.41 -18.94
CA GLU B 104 11.44 26.75 -20.06
C GLU B 104 12.49 25.67 -20.34
N VAL B 105 12.92 25.61 -21.59
CA VAL B 105 13.96 24.70 -22.03
C VAL B 105 15.33 25.14 -21.55
N VAL B 106 16.04 24.23 -20.92
CA VAL B 106 17.39 24.49 -20.44
C VAL B 106 18.40 23.86 -21.38
N ASP B 107 18.11 22.62 -21.79
CA ASP B 107 18.95 21.89 -22.74
C ASP B 107 18.07 21.16 -23.75
N ALA B 108 18.57 21.01 -24.96
CA ALA B 108 17.88 20.24 -25.97
C ALA B 108 18.89 19.71 -26.98
N THR B 109 18.75 18.44 -27.35
CA THR B 109 19.54 17.85 -28.41
C THR B 109 18.62 17.09 -29.33
N VAL B 110 18.76 17.32 -30.63
CA VAL B 110 17.87 16.72 -31.60
C VAL B 110 18.60 15.67 -32.42
N GLN B 111 17.86 14.63 -32.83
CA GLN B 111 18.32 13.70 -33.85
C GLN B 111 17.27 13.65 -34.96
N PRO B 112 17.70 13.71 -36.23
CA PRO B 112 19.08 13.76 -36.73
C PRO B 112 19.72 15.09 -36.41
N GLU B 113 21.01 15.08 -36.12
CA GLU B 113 21.69 16.28 -35.65
C GLU B 113 21.63 17.42 -36.67
N LYS B 114 21.33 17.09 -37.92
CA LYS B 114 21.24 18.15 -38.93
C LYS B 114 20.09 19.11 -38.65
N GLN B 116 19.41 20.52 -35.81
CA GLN B 116 19.65 21.26 -34.58
C GLN B 116 19.44 22.77 -34.76
N THR B 117 19.79 23.27 -35.95
CA THR B 117 19.72 24.70 -36.19
C THR B 117 18.27 25.18 -36.26
N VAL B 118 17.43 24.42 -36.94
CA VAL B 118 16.01 24.69 -36.99
C VAL B 118 15.46 24.64 -35.59
N GLN B 120 16.87 25.12 -32.82
CA GLN B 120 17.30 26.27 -32.04
C GLN B 120 16.37 27.47 -32.29
N THR B 121 15.95 27.65 -33.55
CA THR B 121 15.03 28.74 -33.88
C THR B 121 13.63 28.54 -33.28
N LEU B 122 13.28 27.29 -33.03
CA LEU B 122 11.95 26.97 -32.56
C LEU B 122 11.85 27.02 -31.03
N LEU B 123 13.00 27.12 -30.36
CA LEU B 123 13.01 27.05 -28.89
C LEU B 123 12.13 28.09 -28.18
N PRO B 124 12.17 29.35 -28.61
CA PRO B 124 11.26 30.32 -27.99
C PRO B 124 9.78 29.95 -28.19
N TYR B 125 9.45 29.33 -29.33
CA TYR B 125 8.07 28.88 -29.56
C TYR B 125 7.70 27.70 -28.68
N LEU B 126 8.62 26.76 -28.56
CA LEU B 126 8.43 25.65 -27.65
C LEU B 126 8.26 26.15 -26.21
N ASN B 127 9.10 27.09 -25.79
CA ASN B 127 8.95 27.66 -24.45
C ASN B 127 7.55 28.20 -24.18
N GLN B 128 7.00 28.94 -25.13
CA GLN B 128 5.67 29.50 -24.94
C GLN B 128 4.63 28.39 -24.83
N ALA B 129 4.75 27.36 -25.66
CA ALA B 129 3.77 26.27 -25.63
C ALA B 129 3.84 25.56 -24.28
N LEU B 130 5.05 25.36 -23.77
CA LEU B 130 5.28 24.72 -22.46
C LEU B 130 4.66 25.48 -21.32
N ARG B 131 4.96 26.78 -21.22
CA ARG B 131 4.40 27.50 -20.12
C ARG B 131 2.87 27.69 -20.23
N ASN B 132 2.30 27.81 -21.43
CA ASN B 132 0.86 27.85 -21.51
C ASN B 132 0.19 26.55 -21.03
N TYR B 133 0.78 25.43 -21.40
CA TYR B 133 0.28 24.12 -20.99
C TYR B 133 0.44 23.88 -19.47
N PHE B 134 1.66 23.99 -18.96
CA PHE B 134 1.92 23.77 -17.53
C PHE B 134 1.35 24.83 -16.56
N ASN B 135 1.01 25.99 -17.07
CA ASN B 135 0.35 26.99 -16.24
C ASN B 135 -1.10 26.59 -15.96
N GLN B 136 -1.63 25.72 -16.80
CA GLN B 136 -3.03 25.31 -16.69
C GLN B 136 -3.19 23.85 -16.26
N GLN B 137 -2.16 23.04 -16.45
CA GLN B 137 -2.20 21.63 -16.07
C GLN B 137 -1.34 21.34 -14.85
N PRO B 138 -1.97 21.20 -13.66
CA PRO B 138 -1.15 21.01 -12.47
C PRO B 138 -0.33 19.74 -12.53
N ALA B 139 0.85 19.79 -11.93
CA ALA B 139 1.69 18.62 -11.77
C ALA B 139 1.16 17.68 -10.68
N TYR B 140 0.43 18.24 -9.73
CA TYR B 140 -0.03 17.45 -8.59
C TYR B 140 -1.20 18.13 -7.89
N VAL B 141 -2.24 17.35 -7.62
CA VAL B 141 -3.45 17.85 -6.96
C VAL B 141 -3.74 17.01 -5.71
N LEU B 142 -3.87 17.67 -4.57
CA LEU B 142 -4.12 16.99 -3.30
C LEU B 142 -5.51 16.36 -3.30
N ARG B 143 -5.61 15.13 -2.81
CA ARG B 143 -6.88 14.40 -2.82
C ARG B 143 -7.34 13.93 -1.45
N GLU B 144 -8.65 13.84 -1.27
CA GLU B 144 -9.29 13.41 -0.02
C GLU B 144 -9.20 11.92 0.21
N ASP B 145 -9.13 11.16 -0.87
CA ASP B 145 -9.35 9.72 -0.81
C ASP B 145 -8.08 8.90 -0.91
N GLY B 146 -6.97 9.45 -0.41
CA GLY B 146 -5.72 8.71 -0.34
C GLY B 146 -5.30 8.46 1.10
N SER B 147 -4.00 8.55 1.36
CA SER B 147 -3.48 8.49 2.73
C SER B 147 -4.09 9.58 3.61
N GLN B 148 -4.10 9.34 4.93
CA GLN B 148 -4.63 10.34 5.83
C GLN B 148 -3.80 11.61 5.77
N GLY B 149 -2.50 11.44 5.56
CA GLY B 149 -1.57 12.54 5.42
C GLY B 149 -1.95 13.48 4.29
N GLU B 150 -2.23 12.93 3.11
CA GLU B 150 -2.66 13.74 1.98
C GLU B 150 -3.97 14.45 2.27
N ALA B 151 -4.89 13.78 2.96
CA ALA B 151 -6.17 14.42 3.28
C ALA B 151 -5.96 15.58 4.27
N ALA B 153 -3.16 17.41 4.50
CA ALA B 153 -2.57 18.46 3.66
C ALA B 153 -3.63 19.25 2.91
N LYS B 154 -4.59 18.53 2.33
CA LYS B 154 -5.61 19.16 1.52
C LYS B 154 -6.47 20.14 2.35
N LYS B 155 -6.56 19.91 3.64
CA LYS B 155 -7.32 20.80 4.51
C LYS B 155 -6.46 21.88 5.19
N LEU B 156 -5.20 21.55 5.46
CA LEU B 156 -4.32 22.42 6.23
C LEU B 156 -3.32 23.23 5.41
N ALA B 157 -3.12 22.84 4.15
CA ALA B 157 -2.01 23.36 3.36
C ALA B 157 -2.07 24.88 3.13
N LYS B 158 -1.00 25.58 3.48
CA LYS B 158 -0.90 27.01 3.27
C LYS B 158 0.04 27.31 2.10
N GLY B 159 1.13 26.56 2.02
CA GLY B 159 2.09 26.72 0.95
C GLY B 159 2.97 25.50 0.82
N ILE B 160 4.06 25.62 0.06
CA ILE B 160 5.00 24.53 -0.11
C ILE B 160 6.40 24.96 0.23
N GLU B 161 7.25 23.96 0.44
CA GLU B 161 8.65 24.16 0.67
C GLU B 161 9.36 23.16 -0.24
N VAL B 162 10.36 23.62 -1.00
CA VAL B 162 11.10 22.74 -1.90
C VAL B 162 12.43 22.35 -1.26
N LYS B 163 12.68 21.04 -1.13
CA LYS B 163 13.93 20.52 -0.59
C LYS B 163 14.53 19.55 -1.60
N PRO B 164 15.81 19.20 -1.45
CA PRO B 164 16.35 18.29 -2.45
C PRO B 164 15.55 16.99 -2.51
N GLY B 165 14.98 16.70 -3.67
CA GLY B 165 14.25 15.45 -3.85
C GLY B 165 12.76 15.51 -3.54
N GLU B 166 12.31 16.59 -2.90
CA GLU B 166 10.92 16.59 -2.46
C GLU B 166 10.29 17.97 -2.25
N ILE B 167 8.99 18.03 -2.46
CA ILE B 167 8.22 19.21 -2.15
C ILE B 167 7.44 18.93 -0.87
N VAL B 168 7.58 19.81 0.12
CA VAL B 168 6.95 19.58 1.40
C VAL B 168 5.78 20.52 1.64
N ILE B 169 4.69 19.96 2.13
CA ILE B 169 3.52 20.74 2.52
C ILE B 169 3.32 20.63 4.03
N PRO B 170 3.66 21.68 4.77
CA PRO B 170 3.59 21.64 6.23
C PRO B 170 2.13 21.64 6.72
N PHE B 171 1.85 20.89 7.79
CA PHE B 171 0.52 20.90 8.42
C PHE B 171 0.48 22.08 9.38
N THR B 172 1.66 22.53 9.77
CA THR B 172 1.85 23.58 10.76
C THR B 172 2.52 24.79 10.11
#